data_9BS2
#
_entry.id   9BS2
#
_cell.length_a   37.500
_cell.length_b   86.000
_cell.length_c   140.640
_cell.angle_alpha   90.000
_cell.angle_beta   90.000
_cell.angle_gamma   90.000
#
_symmetry.space_group_name_H-M   'P 21 21 21'
#
loop_
_entity.id
_entity.type
_entity.pdbx_description
1 polymer 'Adenine DNA glycosylase'
2 polymer "DNA (5'-D(*AP*AP*GP*AP*CP*(8OG)P*TP*GP*GP*AP*C)-3')"
3 polymer "DNA (5'-D(*TP*GP*TP*CP*CP*AP*(3DR)P*GP*TP*CP*T)-3')"
4 non-polymer 'IRON/SULFUR CLUSTER'
5 non-polymer 'ACETIC ACID'
6 non-polymer 'CALCIUM ION'
7 water water
#
loop_
_entity_poly.entity_id
_entity_poly.type
_entity_poly.pdbx_seq_one_letter_code
_entity_poly.pdbx_strand_id
1 'polypeptide(L)'
;GSHMTRETERFPAREFQRDLLDWFARERRDLPWRKDRDPYKVWVSEVMLQQTRVETVIPYFEQFIDRFPTLEALADADED
EVLKAWEGLGYYSRVRNLHAAVKEVKTRYGGKVPDDPDEFSRLKGVGPYTVGAVLSLAYGVPEPAVDGNVMQVLSRLFLV
TDDIAKPSTRKRFEQIVREIMAYENPGAFNEALIELGALVCTPRRPSCLLCPVQAYCQAFAEGVAEELPVKMKKTAVKQV
PLAVAVLADDEGRVLIRKRDSTGLLANLWEFPSCETDGADGKEKLEQMVGEQYGLQVELTEPIVSFEHAFSHLVWQLTVF
PGRLVHGGPVEEPYRLAPEDELKAYAFPVSHQRVWREYKEWASGVRPPP
;
A
2 'polydeoxyribonucleotide' (DA)(DA)(DG)(DA)(DC)(8OG)(DT)(DG)(DG)(DA)(DC) B
3 'polydeoxyribonucleotide' (DT)(DG)(DT)(DC)(DC)(DA)(3DR)(DG)(DT)(DC)(DT) C
#
# COMPACT_ATOMS: atom_id res chain seq x y z
N PHE A 11 -2.99 -17.08 -31.22
CA PHE A 11 -2.09 -17.11 -30.08
C PHE A 11 -2.00 -18.49 -29.45
N PRO A 12 -0.78 -19.09 -29.40
CA PRO A 12 -0.65 -20.48 -28.93
C PRO A 12 -0.87 -20.59 -27.42
N ALA A 13 -2.13 -20.46 -27.01
CA ALA A 13 -2.42 -20.30 -25.59
C ALA A 13 -1.90 -21.47 -24.77
N ARG A 14 -2.20 -22.70 -25.19
CA ARG A 14 -1.85 -23.84 -24.37
C ARG A 14 -0.35 -23.98 -24.23
N GLU A 15 0.40 -23.73 -25.30
CA GLU A 15 1.85 -23.84 -25.21
C GLU A 15 2.42 -22.69 -24.36
N PHE A 16 1.73 -21.56 -24.36
CA PHE A 16 2.05 -20.49 -23.41
C PHE A 16 1.65 -20.89 -21.99
N GLN A 17 0.38 -21.28 -21.79
CA GLN A 17 -0.07 -21.64 -20.44
C GLN A 17 0.79 -22.74 -19.84
N ARG A 18 0.81 -23.91 -20.49
CA ARG A 18 1.52 -25.02 -19.90
C ARG A 18 2.92 -24.58 -19.48
N ASP A 19 3.55 -23.76 -20.32
CA ASP A 19 4.92 -23.33 -20.05
C ASP A 19 4.99 -22.36 -18.87
N LEU A 20 4.09 -21.38 -18.84
CA LEU A 20 4.08 -20.45 -17.73
C LEU A 20 3.91 -21.19 -16.42
N LEU A 21 2.93 -22.09 -16.34
CA LEU A 21 2.62 -22.75 -15.09
C LEU A 21 3.71 -23.73 -14.68
N ASP A 22 4.38 -24.36 -15.64
CA ASP A 22 5.46 -25.25 -15.25
C ASP A 22 6.60 -24.47 -14.63
N TRP A 23 6.92 -23.34 -15.25
CA TRP A 23 7.90 -22.43 -14.67
C TRP A 23 7.51 -22.04 -13.26
N PHE A 24 6.23 -21.70 -13.06
CA PHE A 24 5.77 -21.23 -11.77
C PHE A 24 5.90 -22.31 -10.72
N ALA A 25 5.53 -23.55 -11.06
CA ALA A 25 5.66 -24.64 -10.11
C ALA A 25 7.11 -24.79 -9.63
N ARG A 26 8.07 -24.53 -10.52
CA ARG A 26 9.47 -24.65 -10.15
C ARG A 26 9.98 -23.44 -9.39
N GLU A 27 9.59 -22.22 -9.79
CA GLU A 27 10.24 -21.03 -9.27
C GLU A 27 9.44 -20.28 -8.23
N ARG A 28 8.15 -20.58 -8.07
CA ARG A 28 7.28 -19.92 -7.10
CA ARG A 28 7.28 -19.91 -7.12
C ARG A 28 8.00 -19.64 -5.79
N ARG A 29 7.97 -18.38 -5.35
CA ARG A 29 8.51 -18.06 -4.03
C ARG A 29 7.59 -18.57 -2.93
N ASP A 30 8.18 -19.10 -1.86
CA ASP A 30 7.39 -19.56 -0.72
C ASP A 30 7.08 -18.39 0.21
N LEU A 31 6.13 -17.57 -0.19
CA LEU A 31 5.77 -16.37 0.56
C LEU A 31 4.77 -16.68 1.65
N PRO A 32 4.69 -15.83 2.66
CA PRO A 32 3.84 -16.21 3.82
C PRO A 32 2.38 -16.40 3.47
N TRP A 33 1.83 -15.58 2.57
CA TRP A 33 0.45 -15.69 2.17
C TRP A 33 0.19 -16.82 1.19
N ARG A 34 1.22 -17.53 0.76
CA ARG A 34 1.04 -18.68 -0.11
C ARG A 34 0.97 -20.00 0.65
N LYS A 35 1.00 -19.95 1.98
CA LYS A 35 0.89 -21.16 2.78
C LYS A 35 -0.46 -21.85 2.59
N ASP A 36 -1.52 -21.09 2.35
CA ASP A 36 -2.82 -21.68 2.08
C ASP A 36 -3.62 -20.71 1.21
N ARG A 37 -4.85 -21.11 0.89
CA ARG A 37 -5.73 -20.30 0.07
C ARG A 37 -6.88 -19.72 0.87
N ASP A 38 -6.62 -19.39 2.12
CA ASP A 38 -7.63 -18.81 2.99
C ASP A 38 -8.02 -17.43 2.46
N PRO A 39 -9.32 -17.17 2.23
CA PRO A 39 -9.66 -15.89 1.58
C PRO A 39 -9.31 -14.68 2.43
N TYR A 40 -9.43 -14.79 3.75
CA TYR A 40 -9.05 -13.68 4.62
C TYR A 40 -7.57 -13.38 4.50
N LYS A 41 -6.72 -14.37 4.70
CA LYS A 41 -5.28 -14.11 4.65
C LYS A 41 -4.89 -13.62 3.26
N VAL A 42 -5.45 -14.21 2.22
CA VAL A 42 -5.15 -13.77 0.86
C VAL A 42 -5.54 -12.32 0.70
N TRP A 43 -6.75 -11.97 1.15
CA TRP A 43 -7.28 -10.62 0.99
C TRP A 43 -6.39 -9.61 1.71
N VAL A 44 -5.99 -9.91 2.93
CA VAL A 44 -5.07 -9.04 3.63
C VAL A 44 -3.80 -8.82 2.82
N SER A 45 -3.21 -9.90 2.30
CA SER A 45 -1.95 -9.75 1.59
C SER A 45 -2.13 -8.94 0.33
N GLU A 46 -3.25 -9.12 -0.36
CA GLU A 46 -3.43 -8.42 -1.63
C GLU A 46 -3.66 -6.92 -1.39
N VAL A 47 -4.29 -6.54 -0.25
CA VAL A 47 -4.37 -5.13 0.08
C VAL A 47 -3.03 -4.57 0.44
N MET A 48 -2.27 -5.28 1.30
CA MET A 48 -0.94 -4.84 1.72
C MET A 48 0.01 -4.69 0.53
N LEU A 49 -0.15 -5.53 -0.48
CA LEU A 49 0.75 -5.50 -1.62
C LEU A 49 0.45 -4.37 -2.58
N GLN A 50 -0.68 -3.67 -2.44
CA GLN A 50 -1.00 -2.59 -3.37
C GLN A 50 0.05 -1.49 -3.27
N GLN A 51 0.76 -1.26 -4.38
CA GLN A 51 1.81 -0.27 -4.46
C GLN A 51 2.85 -0.42 -3.35
N THR A 52 3.13 -1.65 -2.93
CA THR A 52 4.05 -1.93 -1.86
C THR A 52 4.79 -3.22 -2.22
N ARG A 53 6.12 -3.19 -2.14
CA ARG A 53 6.91 -4.37 -2.51
C ARG A 53 6.67 -5.54 -1.57
N VAL A 54 6.72 -6.76 -2.14
CA VAL A 54 6.67 -7.99 -1.36
C VAL A 54 7.61 -7.93 -0.14
N GLU A 55 8.87 -7.55 -0.33
CA GLU A 55 9.82 -7.60 0.75
C GLU A 55 9.44 -6.68 1.90
N THR A 56 8.78 -5.57 1.59
CA THR A 56 8.27 -4.68 2.62
C THR A 56 7.08 -5.27 3.34
N VAL A 57 6.19 -5.92 2.61
CA VAL A 57 4.98 -6.45 3.17
C VAL A 57 5.24 -7.58 4.18
N ILE A 58 6.20 -8.46 3.88
CA ILE A 58 6.34 -9.71 4.65
C ILE A 58 6.21 -9.50 6.16
N PRO A 59 7.03 -8.65 6.81
CA PRO A 59 6.92 -8.53 8.26
C PRO A 59 5.62 -7.90 8.69
N TYR A 60 5.06 -7.00 7.88
CA TYR A 60 3.77 -6.45 8.26
C TYR A 60 2.67 -7.52 8.23
N PHE A 61 2.68 -8.35 7.20
CA PHE A 61 1.68 -9.42 7.08
C PHE A 61 1.76 -10.38 8.25
N GLU A 62 2.99 -10.82 8.58
CA GLU A 62 3.19 -11.73 9.70
C GLU A 62 2.65 -11.12 10.99
N GLN A 63 2.99 -9.86 11.25
CA GLN A 63 2.55 -9.23 12.49
C GLN A 63 1.04 -9.06 12.50
N PHE A 64 0.46 -8.66 11.34
CA PHE A 64 -0.96 -8.38 11.24
C PHE A 64 -1.78 -9.64 11.45
N ILE A 65 -1.40 -10.74 10.79
CA ILE A 65 -2.15 -11.98 10.97
C ILE A 65 -1.98 -12.52 12.40
N ASP A 66 -0.83 -12.30 13.03
CA ASP A 66 -0.70 -12.75 14.42
CA ASP A 66 -0.69 -12.73 14.43
C ASP A 66 -1.66 -11.98 15.33
N ARG A 67 -1.81 -10.67 15.08
CA ARG A 67 -2.72 -9.82 15.84
C ARG A 67 -4.18 -10.11 15.47
N PHE A 68 -4.45 -10.35 14.19
CA PHE A 68 -5.83 -10.46 13.68
C PHE A 68 -5.94 -11.75 12.90
N PRO A 69 -6.05 -12.89 13.60
CA PRO A 69 -5.88 -14.19 12.95
C PRO A 69 -7.00 -14.58 12.02
N THR A 70 -8.18 -13.99 12.18
CA THR A 70 -9.35 -14.32 11.37
C THR A 70 -10.03 -13.01 11.00
N LEU A 71 -10.92 -13.11 10.03
CA LEU A 71 -11.72 -11.96 9.61
C LEU A 71 -12.48 -11.36 10.78
N GLU A 72 -13.06 -12.22 11.62
CA GLU A 72 -13.81 -11.76 12.80
C GLU A 72 -12.92 -10.97 13.75
N ALA A 73 -11.73 -11.50 14.04
CA ALA A 73 -10.79 -10.76 14.85
C ALA A 73 -10.54 -9.36 14.30
N LEU A 74 -10.37 -9.26 12.97
CA LEU A 74 -10.07 -7.96 12.40
C LEU A 74 -11.27 -7.04 12.53
N ALA A 75 -12.44 -7.58 12.22
CA ALA A 75 -13.66 -6.79 12.30
C ALA A 75 -13.88 -6.28 13.71
N ASP A 76 -13.61 -7.12 14.73
CA ASP A 76 -13.88 -6.77 16.12
C ASP A 76 -12.85 -5.82 16.70
N ALA A 77 -11.74 -5.55 15.99
CA ALA A 77 -10.68 -4.78 16.61
C ALA A 77 -11.00 -3.29 16.55
N ASP A 78 -10.39 -2.53 17.46
CA ASP A 78 -10.52 -1.08 17.43
C ASP A 78 -9.76 -0.51 16.23
N GLU A 79 -10.32 0.54 15.64
CA GLU A 79 -9.68 1.18 14.49
C GLU A 79 -8.25 1.58 14.80
N ASP A 80 -7.99 2.08 16.01
CA ASP A 80 -6.64 2.53 16.34
C ASP A 80 -5.67 1.36 16.34
N GLU A 81 -6.13 0.17 16.76
CA GLU A 81 -5.25 -0.99 16.82
C GLU A 81 -4.88 -1.43 15.41
N VAL A 82 -5.86 -1.40 14.52
CA VAL A 82 -5.64 -1.81 13.15
C VAL A 82 -4.73 -0.84 12.45
N LEU A 83 -4.95 0.46 12.67
CA LEU A 83 -4.06 1.44 12.06
CA LEU A 83 -4.06 1.44 12.06
C LEU A 83 -2.63 1.28 12.56
N LYS A 84 -2.45 1.00 13.85
CA LYS A 84 -1.10 0.82 14.36
C LYS A 84 -0.43 -0.37 13.68
N ALA A 85 -1.19 -1.43 13.43
CA ALA A 85 -0.67 -2.57 12.69
C ALA A 85 -0.23 -2.19 11.29
N TRP A 86 -0.78 -1.12 10.71
CA TRP A 86 -0.39 -0.62 9.38
C TRP A 86 0.66 0.48 9.44
N GLU A 87 1.09 0.86 10.62
CA GLU A 87 1.93 2.04 10.74
C GLU A 87 3.22 1.87 9.94
N GLY A 88 3.49 2.83 9.04
CA GLY A 88 4.66 2.82 8.21
C GLY A 88 4.48 2.17 6.86
N LEU A 89 3.35 1.49 6.63
CA LEU A 89 3.16 0.79 5.35
C LEU A 89 2.76 1.75 4.24
N GLY A 90 2.17 2.88 4.59
CA GLY A 90 1.76 3.84 3.59
C GLY A 90 0.33 3.58 3.11
N TYR A 91 -0.21 4.55 2.36
CA TYR A 91 -1.54 4.54 1.79
C TYR A 91 -2.55 3.94 2.77
N TYR A 92 -2.75 4.68 3.84
CA TYR A 92 -3.45 4.19 5.02
C TYR A 92 -4.93 4.03 4.78
N SER A 93 -5.49 4.64 3.74
CA SER A 93 -6.91 4.36 3.52
C SER A 93 -7.16 2.91 3.11
N ARG A 94 -6.16 2.20 2.63
CA ARG A 94 -6.29 0.77 2.38
C ARG A 94 -6.80 0.01 3.59
N VAL A 95 -6.22 0.29 4.76
CA VAL A 95 -6.58 -0.49 5.93
C VAL A 95 -7.87 0.03 6.54
N ARG A 96 -8.18 1.30 6.38
CA ARG A 96 -9.52 1.74 6.78
C ARG A 96 -10.60 1.08 5.92
N ASN A 97 -10.36 1.00 4.60
CA ASN A 97 -11.26 0.29 3.70
C ASN A 97 -11.35 -1.19 4.00
N LEU A 98 -10.23 -1.85 4.26
CA LEU A 98 -10.28 -3.25 4.62
C LEU A 98 -11.05 -3.46 5.91
N HIS A 99 -10.79 -2.60 6.90
CA HIS A 99 -11.47 -2.75 8.19
C HIS A 99 -12.98 -2.68 7.97
N ALA A 100 -13.43 -1.74 7.15
CA ALA A 100 -14.86 -1.62 6.86
C ALA A 100 -15.37 -2.81 6.05
N ALA A 101 -14.59 -3.27 5.09
CA ALA A 101 -15.00 -4.41 4.28
C ALA A 101 -15.16 -5.66 5.14
N VAL A 102 -14.26 -5.90 6.11
CA VAL A 102 -14.42 -7.07 6.98
C VAL A 102 -15.64 -6.87 7.87
N LYS A 103 -15.81 -5.68 8.45
CA LYS A 103 -16.98 -5.44 9.31
C LYS A 103 -18.25 -5.69 8.52
N GLU A 104 -18.30 -5.21 7.30
CA GLU A 104 -19.45 -5.46 6.43
C GLU A 104 -19.56 -6.94 6.11
N VAL A 105 -18.44 -7.63 5.91
CA VAL A 105 -18.52 -9.06 5.63
C VAL A 105 -19.02 -9.83 6.84
N LYS A 106 -18.59 -9.41 8.05
CA LYS A 106 -19.11 -9.99 9.28
C LYS A 106 -20.60 -9.68 9.45
N THR A 107 -20.96 -8.39 9.47
CA THR A 107 -22.34 -7.95 9.69
C THR A 107 -23.29 -8.52 8.63
N ARG A 108 -22.93 -8.37 7.36
CA ARG A 108 -23.86 -8.71 6.27
C ARG A 108 -23.76 -10.17 5.87
N TYR A 109 -22.56 -10.74 5.83
CA TYR A 109 -22.38 -12.08 5.30
C TYR A 109 -22.00 -13.11 6.38
N GLY A 110 -22.03 -12.74 7.66
CA GLY A 110 -21.73 -13.70 8.73
C GLY A 110 -20.29 -14.14 8.82
N GLY A 111 -19.37 -13.43 8.18
CA GLY A 111 -17.96 -13.77 8.23
C GLY A 111 -17.42 -14.54 7.05
N LYS A 112 -18.24 -14.88 6.07
CA LYS A 112 -17.79 -15.61 4.90
C LYS A 112 -17.51 -14.63 3.76
N VAL A 113 -16.28 -14.61 3.28
CA VAL A 113 -15.89 -13.66 2.24
C VAL A 113 -16.73 -13.98 1.01
N PRO A 114 -17.52 -13.02 0.52
CA PRO A 114 -18.33 -13.27 -0.67
C PRO A 114 -17.49 -13.89 -1.76
N ASP A 115 -18.03 -14.92 -2.42
CA ASP A 115 -17.39 -15.44 -3.62
C ASP A 115 -18.03 -14.90 -4.90
N ASP A 116 -19.01 -14.02 -4.77
CA ASP A 116 -19.59 -13.29 -5.90
C ASP A 116 -18.73 -12.08 -6.23
N PRO A 117 -18.22 -11.97 -7.44
CA PRO A 117 -17.45 -10.78 -7.83
C PRO A 117 -18.16 -9.46 -7.60
N ASP A 118 -19.43 -9.32 -7.96
CA ASP A 118 -20.05 -8.03 -7.74
C ASP A 118 -20.23 -7.75 -6.27
N GLU A 119 -20.59 -8.76 -5.48
CA GLU A 119 -20.75 -8.47 -4.07
C GLU A 119 -19.37 -8.29 -3.42
N PHE A 120 -18.36 -9.05 -3.84
CA PHE A 120 -17.03 -8.80 -3.27
C PHE A 120 -16.54 -7.43 -3.68
N SER A 121 -16.74 -7.05 -4.94
CA SER A 121 -16.28 -5.74 -5.42
C SER A 121 -17.00 -4.59 -4.74
N ARG A 122 -18.23 -4.81 -4.27
CA ARG A 122 -18.97 -3.77 -3.58
C ARG A 122 -18.26 -3.34 -2.30
N LEU A 123 -17.34 -4.16 -1.77
CA LEU A 123 -16.69 -3.85 -0.51
C LEU A 123 -15.62 -2.79 -0.70
N LYS A 124 -15.49 -1.90 0.29
CA LYS A 124 -14.50 -0.84 0.21
C LYS A 124 -13.11 -1.43 0.01
N GLY A 125 -12.35 -0.81 -0.88
CA GLY A 125 -10.97 -1.19 -1.11
C GLY A 125 -10.81 -2.25 -2.16
N VAL A 126 -11.89 -2.88 -2.60
CA VAL A 126 -11.80 -4.03 -3.49
C VAL A 126 -12.00 -3.53 -4.91
N GLY A 127 -10.91 -3.28 -5.62
CA GLY A 127 -11.01 -2.89 -7.01
C GLY A 127 -10.81 -4.11 -7.90
N PRO A 128 -10.66 -3.87 -9.19
CA PRO A 128 -10.58 -4.99 -10.14
C PRO A 128 -9.44 -5.95 -9.86
N TYR A 129 -8.27 -5.46 -9.42
CA TYR A 129 -7.16 -6.36 -9.12
C TYR A 129 -7.51 -7.26 -7.94
N THR A 130 -8.01 -6.65 -6.87
CA THR A 130 -8.26 -7.39 -5.64
C THR A 130 -9.39 -8.39 -5.82
N VAL A 131 -10.43 -8.05 -6.59
CA VAL A 131 -11.46 -9.04 -6.91
C VAL A 131 -10.83 -10.27 -7.54
N GLY A 132 -10.06 -10.06 -8.61
CA GLY A 132 -9.48 -11.19 -9.31
C GLY A 132 -8.51 -11.98 -8.47
N ALA A 133 -7.64 -11.28 -7.74
CA ALA A 133 -6.62 -11.97 -6.96
C ALA A 133 -7.25 -12.86 -5.90
N VAL A 134 -8.15 -12.29 -5.12
CA VAL A 134 -8.68 -13.04 -4.00
C VAL A 134 -9.62 -14.15 -4.48
N LEU A 135 -10.53 -13.81 -5.38
CA LEU A 135 -11.54 -14.80 -5.75
C LEU A 135 -10.92 -15.90 -6.61
N SER A 136 -9.91 -15.60 -7.39
CA SER A 136 -9.31 -16.63 -8.22
C SER A 136 -8.47 -17.56 -7.37
N LEU A 137 -7.73 -17.00 -6.42
CA LEU A 137 -6.94 -17.82 -5.52
C LEU A 137 -7.81 -18.58 -4.52
N ALA A 138 -8.67 -17.85 -3.78
CA ALA A 138 -9.40 -18.50 -2.69
C ALA A 138 -10.47 -19.45 -3.22
N TYR A 139 -11.19 -19.05 -4.26
CA TYR A 139 -12.44 -19.69 -4.66
C TYR A 139 -12.42 -20.23 -6.09
N GLY A 140 -11.33 -20.04 -6.83
CA GLY A 140 -11.25 -20.55 -8.19
C GLY A 140 -12.04 -19.76 -9.21
N VAL A 141 -12.54 -18.58 -8.86
CA VAL A 141 -13.34 -17.74 -9.77
C VAL A 141 -12.44 -17.20 -10.86
N PRO A 142 -12.79 -17.34 -12.16
CA PRO A 142 -11.84 -17.01 -13.23
C PRO A 142 -11.79 -15.52 -13.63
N GLU A 143 -11.71 -14.63 -12.60
CA GLU A 143 -11.58 -13.19 -12.80
C GLU A 143 -10.11 -12.80 -13.01
N PRO A 144 -9.83 -11.86 -13.90
CA PRO A 144 -8.43 -11.46 -14.08
C PRO A 144 -7.92 -10.65 -12.90
N ALA A 145 -6.62 -10.75 -12.67
CA ALA A 145 -5.93 -10.07 -11.55
C ALA A 145 -4.75 -9.26 -12.11
N VAL A 146 -5.05 -8.10 -12.70
CA VAL A 146 -4.08 -7.34 -13.47
C VAL A 146 -3.47 -6.28 -12.57
N ASP A 147 -2.25 -6.50 -12.18
CA ASP A 147 -1.45 -5.55 -11.42
C ASP A 147 -0.39 -4.99 -12.36
N GLY A 148 0.56 -4.26 -11.76
CA GLY A 148 1.68 -3.76 -12.54
C GLY A 148 2.51 -4.85 -13.20
N ASN A 149 2.75 -5.95 -12.48
CA ASN A 149 3.49 -7.08 -13.04
C ASN A 149 2.82 -7.60 -14.29
N VAL A 150 1.50 -7.85 -14.20
CA VAL A 150 0.75 -8.39 -15.34
C VAL A 150 0.75 -7.39 -16.49
N MET A 151 0.60 -6.09 -16.20
CA MET A 151 0.58 -5.13 -17.30
C MET A 151 1.92 -5.08 -17.98
N GLN A 152 2.99 -5.23 -17.22
CA GLN A 152 4.31 -5.27 -17.82
C GLN A 152 4.45 -6.50 -18.70
N VAL A 153 4.04 -7.65 -18.19
CA VAL A 153 4.15 -8.89 -18.98
C VAL A 153 3.34 -8.78 -20.26
N LEU A 154 2.06 -8.42 -20.13
CA LEU A 154 1.18 -8.39 -21.29
C LEU A 154 1.58 -7.30 -22.28
N SER A 155 2.01 -6.14 -21.79
CA SER A 155 2.40 -5.10 -22.72
C SER A 155 3.55 -5.59 -23.60
N ARG A 156 4.44 -6.41 -23.04
CA ARG A 156 5.58 -6.91 -23.79
C ARG A 156 5.12 -8.06 -24.68
N LEU A 157 4.33 -8.98 -24.13
CA LEU A 157 3.97 -10.15 -24.92
C LEU A 157 3.24 -9.73 -26.19
N PHE A 158 2.23 -8.89 -26.03
CA PHE A 158 1.36 -8.50 -27.13
C PHE A 158 1.70 -7.13 -27.67
N LEU A 159 2.87 -6.61 -27.31
CA LEU A 159 3.36 -5.35 -27.79
C LEU A 159 2.28 -4.27 -27.71
N VAL A 160 1.70 -4.13 -26.52
CA VAL A 160 0.68 -3.11 -26.29
C VAL A 160 1.33 -1.82 -25.84
N THR A 161 1.16 -0.77 -26.63
CA THR A 161 1.82 0.51 -26.42
C THR A 161 0.92 1.58 -25.81
N ASP A 162 -0.33 1.25 -25.49
CA ASP A 162 -1.23 2.21 -24.87
C ASP A 162 -0.74 2.57 -23.47
N ASP A 163 -0.95 3.81 -23.10
CA ASP A 163 -0.52 4.28 -21.79
C ASP A 163 -1.26 3.51 -20.70
N ILE A 164 -0.52 2.85 -19.80
CA ILE A 164 -1.17 2.05 -18.77
C ILE A 164 -1.72 2.90 -17.64
N ALA A 165 -1.50 4.22 -17.67
CA ALA A 165 -2.17 5.10 -16.72
C ALA A 165 -3.65 5.17 -17.00
N LYS A 166 -4.05 4.91 -18.24
CA LYS A 166 -5.45 5.03 -18.63
C LYS A 166 -6.24 3.87 -18.01
N PRO A 167 -7.38 4.14 -17.39
CA PRO A 167 -8.26 3.00 -17.04
C PRO A 167 -8.56 2.09 -18.23
N SER A 168 -8.77 2.66 -19.43
CA SER A 168 -9.16 1.82 -20.55
C SER A 168 -8.06 0.82 -20.88
N THR A 169 -6.79 1.20 -20.70
CA THR A 169 -5.71 0.26 -20.99
C THR A 169 -5.82 -0.95 -20.08
N ARG A 170 -6.04 -0.72 -18.79
CA ARG A 170 -6.21 -1.82 -17.87
C ARG A 170 -7.36 -2.72 -18.31
N LYS A 171 -8.44 -2.14 -18.81
CA LYS A 171 -9.57 -2.97 -19.28
C LYS A 171 -9.18 -3.80 -20.49
N ARG A 172 -8.29 -3.29 -21.34
CA ARG A 172 -7.83 -4.10 -22.46
C ARG A 172 -7.04 -5.31 -21.97
N PHE A 173 -6.13 -5.09 -21.03
CA PHE A 173 -5.38 -6.20 -20.46
C PHE A 173 -6.31 -7.21 -19.80
N GLU A 174 -7.34 -6.74 -19.11
CA GLU A 174 -8.28 -7.68 -18.50
C GLU A 174 -8.90 -8.58 -19.55
N GLN A 175 -9.23 -8.02 -20.72
CA GLN A 175 -9.78 -8.83 -21.80
C GLN A 175 -8.77 -9.82 -22.35
N ILE A 176 -7.50 -9.39 -22.53
CA ILE A 176 -6.48 -10.33 -22.96
C ILE A 176 -6.39 -11.51 -21.99
N VAL A 177 -6.40 -11.22 -20.68
CA VAL A 177 -6.30 -12.32 -19.73
C VAL A 177 -7.45 -13.31 -19.93
N ARG A 178 -8.65 -12.78 -20.14
CA ARG A 178 -9.80 -13.65 -20.33
C ARG A 178 -9.63 -14.50 -21.57
N GLU A 179 -8.93 -13.98 -22.57
CA GLU A 179 -8.69 -14.69 -23.83
C GLU A 179 -7.63 -15.76 -23.64
N ILE A 180 -6.57 -15.50 -22.86
CA ILE A 180 -5.47 -16.46 -22.77
C ILE A 180 -5.46 -17.23 -21.47
N MET A 181 -6.39 -16.97 -20.55
CA MET A 181 -6.40 -17.60 -19.25
C MET A 181 -6.37 -19.13 -19.31
N ALA A 182 -6.34 -19.77 -18.14
CA ALA A 182 -6.54 -21.20 -18.03
C ALA A 182 -7.72 -21.38 -17.08
N TYR A 183 -8.93 -21.51 -17.64
CA TYR A 183 -10.12 -21.62 -16.78
C TYR A 183 -10.05 -22.86 -15.91
N GLU A 184 -9.15 -23.79 -16.25
CA GLU A 184 -8.93 -24.99 -15.45
C GLU A 184 -8.33 -24.63 -14.10
N ASN A 185 -7.32 -23.77 -14.11
CA ASN A 185 -6.59 -23.40 -12.90
C ASN A 185 -6.44 -21.88 -12.89
N PRO A 186 -7.54 -21.15 -12.66
CA PRO A 186 -7.49 -19.67 -12.75
C PRO A 186 -6.58 -19.02 -11.74
N GLY A 187 -6.70 -19.42 -10.46
CA GLY A 187 -5.84 -18.87 -9.44
C GLY A 187 -4.38 -19.11 -9.72
N ALA A 188 -4.04 -20.29 -10.21
CA ALA A 188 -2.63 -20.56 -10.47
C ALA A 188 -2.17 -19.84 -11.72
N PHE A 189 -3.04 -19.69 -12.71
CA PHE A 189 -2.67 -18.89 -13.87
C PHE A 189 -2.38 -17.45 -13.45
N ASN A 190 -3.27 -16.85 -12.65
CA ASN A 190 -3.12 -15.46 -12.25
C ASN A 190 -1.86 -15.27 -11.42
N GLU A 191 -1.64 -16.13 -10.43
CA GLU A 191 -0.46 -15.88 -9.60
C GLU A 191 0.80 -16.10 -10.41
N ALA A 192 0.75 -16.99 -11.41
CA ALA A 192 1.93 -17.24 -12.22
C ALA A 192 2.27 -16.05 -13.12
N LEU A 193 1.27 -15.40 -13.71
CA LEU A 193 1.55 -14.22 -14.51
C LEU A 193 2.19 -13.12 -13.68
N ILE A 194 1.70 -12.94 -12.45
CA ILE A 194 2.24 -11.92 -11.55
C ILE A 194 3.67 -12.25 -11.17
N GLU A 195 3.91 -13.52 -10.81
CA GLU A 195 5.27 -13.93 -10.43
C GLU A 195 6.27 -13.77 -11.57
N LEU A 196 5.82 -14.00 -12.80
CA LEU A 196 6.67 -13.78 -13.96
C LEU A 196 7.12 -12.32 -14.02
N GLY A 197 6.17 -11.40 -13.87
CA GLY A 197 6.55 -9.99 -13.82
C GLY A 197 7.41 -9.64 -12.61
N ALA A 198 7.22 -10.36 -11.51
CA ALA A 198 8.02 -10.09 -10.32
C ALA A 198 9.48 -10.55 -10.49
N LEU A 199 9.69 -11.72 -11.09
CA LEU A 199 11.00 -12.37 -11.07
C LEU A 199 11.77 -12.30 -12.38
N VAL A 200 11.08 -12.19 -13.52
CA VAL A 200 11.66 -12.36 -14.84
C VAL A 200 11.42 -11.12 -15.70
N CYS A 201 10.15 -10.81 -15.92
CA CYS A 201 9.80 -9.70 -16.82
CA CYS A 201 9.73 -9.72 -16.81
C CYS A 201 9.77 -8.40 -16.04
N THR A 202 10.95 -8.00 -15.68
CA THR A 202 11.23 -6.87 -14.80
C THR A 202 11.38 -5.59 -15.59
N PRO A 203 11.19 -4.44 -14.94
CA PRO A 203 11.27 -3.17 -15.69
C PRO A 203 12.59 -2.97 -16.40
N ARG A 204 13.70 -3.13 -15.71
CA ARG A 204 15.03 -3.00 -16.28
C ARG A 204 15.62 -4.38 -16.49
N ARG A 205 16.45 -4.49 -17.53
CA ARG A 205 17.18 -5.71 -17.88
C ARG A 205 16.32 -6.95 -17.64
N PRO A 206 15.15 -7.04 -18.26
CA PRO A 206 14.34 -8.25 -18.17
C PRO A 206 15.14 -9.48 -18.59
N SER A 207 14.86 -10.61 -17.92
CA SER A 207 15.61 -11.85 -18.14
C SER A 207 14.97 -12.70 -19.26
N CYS A 208 14.93 -12.09 -20.46
CA CYS A 208 14.24 -12.66 -21.60
CA CYS A 208 14.20 -12.72 -21.55
C CYS A 208 14.81 -14.04 -21.99
N LEU A 209 16.11 -14.19 -21.87
CA LEU A 209 16.71 -15.46 -22.28
C LEU A 209 16.29 -16.58 -21.33
N LEU A 210 16.33 -16.32 -20.03
N LEU A 210 16.18 -16.27 -20.04
CA LEU A 210 15.79 -17.25 -19.05
CA LEU A 210 15.65 -17.22 -19.07
C LEU A 210 14.28 -17.40 -19.17
C LEU A 210 14.13 -17.41 -19.17
N CYS A 211 13.64 -16.48 -19.87
N CYS A 211 13.39 -16.50 -19.82
CA CYS A 211 12.20 -16.32 -19.74
CA CYS A 211 11.93 -16.50 -19.62
C CYS A 211 11.46 -17.54 -20.29
C CYS A 211 11.32 -17.79 -20.15
N PRO A 212 10.58 -18.16 -19.51
N PRO A 212 10.26 -18.29 -19.48
CA PRO A 212 9.85 -19.31 -20.05
CA PRO A 212 9.55 -19.46 -20.00
C PRO A 212 9.06 -19.00 -21.32
C PRO A 212 8.63 -19.22 -21.19
N VAL A 213 8.26 -17.94 -21.35
N VAL A 213 8.18 -17.98 -21.44
CA VAL A 213 7.32 -17.71 -22.44
CA VAL A 213 7.21 -17.74 -22.51
C VAL A 213 7.95 -16.81 -23.50
C VAL A 213 7.85 -16.86 -23.57
N GLN A 214 9.28 -16.75 -23.51
N GLN A 214 9.17 -16.97 -23.67
CA GLN A 214 10.02 -15.99 -24.49
CA GLN A 214 9.96 -16.23 -24.65
C GLN A 214 9.55 -16.27 -25.92
C GLN A 214 9.48 -16.47 -26.07
N ALA A 215 9.10 -17.48 -26.22
N ALA A 215 8.96 -17.65 -26.37
CA ALA A 215 8.75 -17.81 -27.59
CA ALA A 215 8.55 -17.98 -27.72
C ALA A 215 7.58 -16.99 -28.07
C ALA A 215 7.34 -17.19 -28.18
N TYR A 216 6.74 -16.52 -27.15
N TYR A 216 6.65 -16.53 -27.25
CA TYR A 216 5.48 -15.86 -27.48
CA TYR A 216 5.39 -15.85 -27.55
C TYR A 216 5.54 -14.36 -27.36
C TYR A 216 5.48 -14.35 -27.42
N CYS A 217 6.74 -13.79 -27.16
N CYS A 217 6.66 -13.82 -27.17
CA CYS A 217 6.89 -12.38 -26.79
CA CYS A 217 6.79 -12.42 -26.81
C CYS A 217 7.17 -11.54 -28.03
C CYS A 217 7.14 -11.58 -28.04
N GLN A 218 6.16 -10.80 -28.49
CA GLN A 218 6.39 -9.89 -29.59
C GLN A 218 7.48 -8.89 -29.26
N ALA A 219 7.50 -8.39 -28.01
CA ALA A 219 8.53 -7.40 -27.70
C ALA A 219 9.92 -8.01 -27.77
N PHE A 220 10.06 -9.27 -27.39
CA PHE A 220 11.38 -9.90 -27.42
C PHE A 220 11.92 -9.94 -28.84
N ALA A 221 11.16 -10.56 -29.75
CA ALA A 221 11.51 -10.53 -31.17
C ALA A 221 12.01 -9.16 -31.63
N GLU A 222 11.23 -8.11 -31.37
CA GLU A 222 11.58 -6.78 -31.85
C GLU A 222 12.70 -6.13 -31.06
N GLY A 223 13.12 -6.73 -29.95
CA GLY A 223 14.20 -6.14 -29.17
C GLY A 223 13.80 -4.85 -28.50
N VAL A 224 12.57 -4.77 -27.99
CA VAL A 224 12.07 -3.51 -27.47
C VAL A 224 11.53 -3.66 -26.06
N ALA A 225 11.84 -4.77 -25.41
CA ALA A 225 11.27 -5.01 -24.08
C ALA A 225 11.60 -3.89 -23.10
N GLU A 226 12.82 -3.35 -23.15
CA GLU A 226 13.22 -2.32 -22.21
C GLU A 226 12.43 -1.02 -22.39
N GLU A 227 11.58 -0.90 -23.41
CA GLU A 227 10.84 0.32 -23.66
C GLU A 227 9.35 0.19 -23.31
N LEU A 228 8.96 -0.90 -22.68
CA LEU A 228 7.56 -1.20 -22.39
C LEU A 228 7.40 -1.50 -20.90
N PRO A 229 6.21 -1.23 -20.34
CA PRO A 229 5.03 -0.66 -20.96
C PRO A 229 5.27 0.83 -21.14
N VAL A 230 4.40 1.45 -21.89
CA VAL A 230 4.43 2.89 -22.07
C VAL A 230 3.70 3.56 -20.91
N LYS A 231 4.31 4.63 -20.40
CA LYS A 231 3.83 5.34 -19.22
C LYS A 231 4.32 6.79 -19.30
N MET A 232 3.39 7.74 -19.10
CA MET A 232 3.77 9.16 -19.12
C MET A 232 4.57 9.50 -17.86
N LYS A 233 5.66 10.25 -18.04
CA LYS A 233 6.49 10.64 -16.91
C LYS A 233 5.66 11.38 -15.85
N LYS A 234 5.99 11.14 -14.58
CA LYS A 234 5.23 11.74 -13.49
C LYS A 234 5.42 13.25 -13.43
N THR A 235 4.36 13.94 -13.04
CA THR A 235 4.42 15.38 -12.84
C THR A 235 5.23 15.71 -11.60
N ALA A 236 6.05 16.76 -11.68
CA ALA A 236 6.71 17.28 -10.50
C ALA A 236 5.68 17.63 -9.43
N VAL A 237 6.03 17.43 -8.16
CA VAL A 237 5.04 17.52 -7.09
C VAL A 237 5.17 18.82 -6.31
N LYS A 238 4.05 19.20 -5.69
CA LYS A 238 3.95 20.38 -4.84
C LYS A 238 4.86 20.30 -3.61
N GLN A 239 5.49 21.42 -3.27
CA GLN A 239 6.25 21.52 -2.02
C GLN A 239 5.41 22.25 -0.97
N VAL A 240 5.35 21.70 0.24
CA VAL A 240 4.44 22.18 1.27
C VAL A 240 5.15 22.40 2.60
N PRO A 241 5.41 23.63 3.04
CA PRO A 241 6.04 23.81 4.34
C PRO A 241 5.08 23.46 5.47
N LEU A 242 5.63 22.83 6.51
CA LEU A 242 4.81 22.37 7.63
C LEU A 242 5.55 22.64 8.93
N ALA A 243 4.92 23.43 9.79
CA ALA A 243 5.45 23.70 11.10
C ALA A 243 4.84 22.74 12.10
N VAL A 244 5.69 22.13 12.92
CA VAL A 244 5.28 21.08 13.84
C VAL A 244 5.77 21.43 15.23
N ALA A 245 4.85 21.41 16.18
CA ALA A 245 5.16 21.68 17.57
C ALA A 245 5.28 20.39 18.35
N VAL A 246 6.35 20.26 19.12
CA VAL A 246 6.48 19.18 20.09
C VAL A 246 6.38 19.84 21.47
N LEU A 247 5.25 19.63 22.13
CA LEU A 247 4.87 20.35 23.34
C LEU A 247 4.85 19.40 24.54
N ALA A 248 5.77 19.60 25.48
CA ALA A 248 5.83 18.74 26.65
C ALA A 248 5.53 19.56 27.91
N ASP A 249 4.80 18.95 28.83
CA ASP A 249 4.58 19.56 30.13
C ASP A 249 5.66 19.10 31.11
N ASP A 250 5.59 19.63 32.35
CA ASP A 250 6.62 19.35 33.35
C ASP A 250 6.74 17.87 33.65
N GLU A 251 5.65 17.13 33.47
CA GLU A 251 5.58 15.71 33.79
C GLU A 251 5.85 14.82 32.57
N GLY A 252 6.45 15.37 31.51
CA GLY A 252 6.89 14.57 30.38
C GLY A 252 5.82 14.16 29.39
N ARG A 253 4.56 14.54 29.60
CA ARG A 253 3.51 14.22 28.64
C ARG A 253 3.56 15.16 27.45
N VAL A 254 3.13 14.66 26.30
CA VAL A 254 3.23 15.41 25.07
C VAL A 254 1.86 15.50 24.43
N LEU A 255 1.64 16.64 23.80
CA LEU A 255 0.38 16.93 23.13
C LEU A 255 0.42 16.38 21.72
N ILE A 256 -0.53 15.49 21.41
CA ILE A 256 -0.70 14.92 20.08
C ILE A 256 -2.17 15.04 19.71
N ARG A 257 -2.45 14.93 18.41
CA ARG A 257 -3.82 15.03 17.94
C ARG A 257 -4.06 14.03 16.81
N LYS A 258 -5.31 13.57 16.71
CA LYS A 258 -5.73 12.65 15.67
C LYS A 258 -6.24 13.44 14.46
N ARG A 259 -5.71 13.12 13.30
CA ARG A 259 -6.11 13.74 12.05
C ARG A 259 -7.53 13.32 11.68
N ASP A 260 -8.25 14.18 10.97
CA ASP A 260 -9.61 13.81 10.62
C ASP A 260 -9.59 12.63 9.65
N SER A 261 -10.73 12.00 9.48
CA SER A 261 -10.81 10.79 8.68
C SER A 261 -10.90 11.09 7.19
N THR A 262 -10.71 12.35 6.82
CA THR A 262 -10.86 12.85 5.47
C THR A 262 -9.49 13.21 4.92
N GLY A 263 -9.01 12.41 3.97
CA GLY A 263 -7.95 12.87 3.09
C GLY A 263 -6.58 12.37 3.53
N LEU A 264 -5.62 13.29 3.61
CA LEU A 264 -4.23 12.93 3.83
C LEU A 264 -4.01 12.34 5.22
N LEU A 265 -3.34 11.20 5.26
CA LEU A 265 -3.00 10.50 6.50
C LEU A 265 -4.18 10.46 7.46
N ALA A 266 -5.29 9.96 6.96
CA ALA A 266 -6.55 10.02 7.70
C ALA A 266 -6.51 9.16 8.94
N ASN A 267 -6.92 9.73 10.08
CA ASN A 267 -7.06 9.04 11.35
C ASN A 267 -5.73 8.67 12.00
N LEU A 268 -4.60 9.12 11.43
CA LEU A 268 -3.33 8.90 12.09
C LEU A 268 -3.11 10.00 13.13
N TRP A 269 -2.23 9.71 14.07
CA TRP A 269 -1.88 10.69 15.09
C TRP A 269 -0.66 11.48 14.66
N GLU A 270 -0.54 12.69 15.20
CA GLU A 270 0.53 13.58 14.79
C GLU A 270 0.86 14.57 15.89
N PHE A 271 2.01 15.16 15.76
CA PHE A 271 2.24 16.35 16.57
C PHE A 271 1.57 17.55 15.93
N PRO A 272 0.95 18.42 16.71
CA PRO A 272 0.19 19.53 16.11
C PRO A 272 1.03 20.31 15.12
N SER A 273 0.43 20.61 13.97
CA SER A 273 1.15 21.17 12.85
C SER A 273 0.25 22.16 12.13
N CYS A 274 0.88 23.14 11.49
CA CYS A 274 0.16 24.09 10.65
C CYS A 274 0.85 24.14 9.30
N GLU A 275 0.08 23.94 8.25
CA GLU A 275 0.60 24.19 6.92
C GLU A 275 0.85 25.68 6.77
N THR A 276 2.11 26.07 6.61
CA THR A 276 2.43 27.46 6.36
C THR A 276 2.64 27.64 4.87
N ASP A 277 2.67 28.90 4.44
CA ASP A 277 3.08 29.23 3.08
C ASP A 277 4.54 29.64 3.04
N GLY A 278 5.33 29.11 3.97
CA GLY A 278 6.66 29.60 4.22
C GLY A 278 6.69 30.89 4.99
N ALA A 279 5.57 31.28 5.61
CA ALA A 279 5.39 32.62 6.16
C ALA A 279 5.00 32.54 7.63
N ASP A 280 5.89 33.00 8.50
CA ASP A 280 5.58 33.16 9.93
C ASP A 280 5.09 31.84 10.53
N GLY A 281 5.99 30.86 10.53
CA GLY A 281 5.65 29.53 10.96
C GLY A 281 5.46 29.45 12.45
N LYS A 282 6.49 29.83 13.20
CA LYS A 282 6.39 29.81 14.65
C LYS A 282 5.18 30.61 15.13
N GLU A 283 4.87 31.72 14.46
CA GLU A 283 3.69 32.50 14.85
C GLU A 283 2.42 31.74 14.51
N LYS A 284 2.37 31.12 13.33
CA LYS A 284 1.17 30.38 12.94
C LYS A 284 0.92 29.21 13.89
N LEU A 285 1.98 28.58 14.41
CA LEU A 285 1.82 27.47 15.34
C LEU A 285 1.27 27.94 16.69
N GLU A 286 1.84 29.04 17.23
CA GLU A 286 1.38 29.56 18.52
C GLU A 286 -0.07 30.01 18.43
N GLN A 287 -0.47 30.62 17.31
CA GLN A 287 -1.86 31.00 17.11
C GLN A 287 -2.75 29.76 16.95
N MET A 288 -2.23 28.68 16.37
CA MET A 288 -3.04 27.50 16.12
C MET A 288 -3.41 26.80 17.43
N VAL A 289 -2.45 26.72 18.36
CA VAL A 289 -2.70 26.00 19.59
C VAL A 289 -3.61 26.81 20.51
N GLY A 290 -3.32 28.10 20.68
CA GLY A 290 -4.18 28.95 21.49
C GLY A 290 -5.64 28.77 21.16
N GLU A 291 -5.96 28.71 19.86
CA GLU A 291 -7.35 28.60 19.43
C GLU A 291 -7.99 27.31 19.93
N GLN A 292 -7.39 26.16 19.61
CA GLN A 292 -7.94 24.88 20.03
C GLN A 292 -7.20 24.36 21.26
N GLN A 296 -2.33 27.38 26.58
CA GLN A 296 -1.21 28.26 26.92
C GLN A 296 0.15 27.61 26.64
N VAL A 297 0.95 28.22 25.75
CA VAL A 297 2.12 27.55 25.17
C VAL A 297 3.07 28.59 24.59
N GLU A 298 4.37 28.33 24.71
CA GLU A 298 5.42 29.23 24.24
C GLU A 298 6.50 28.40 23.54
N LEU A 299 6.77 28.71 22.27
CA LEU A 299 7.68 27.93 21.45
C LEU A 299 9.06 28.58 21.35
N THR A 300 10.10 27.75 21.34
CA THR A 300 11.47 28.22 21.21
C THR A 300 11.85 28.26 19.72
N GLU A 301 13.15 28.40 19.45
CA GLU A 301 13.64 28.33 18.10
C GLU A 301 13.52 26.91 17.57
N PRO A 302 13.55 26.75 16.25
CA PRO A 302 13.39 25.42 15.67
C PRO A 302 14.65 24.61 15.82
N ILE A 303 14.48 23.30 15.94
CA ILE A 303 15.62 22.44 16.22
C ILE A 303 16.08 21.70 14.97
N VAL A 304 15.18 21.47 14.01
CA VAL A 304 15.57 20.78 12.79
C VAL A 304 14.58 21.09 11.68
N SER A 305 15.05 21.00 10.45
CA SER A 305 14.23 21.05 9.24
C SER A 305 14.59 19.88 8.36
N PHE A 306 13.57 19.15 7.89
CA PHE A 306 13.77 18.00 7.02
C PHE A 306 12.57 17.83 6.09
N GLU A 307 12.80 17.17 4.98
CA GLU A 307 11.76 16.89 3.99
C GLU A 307 11.23 15.48 4.11
N HIS A 308 9.99 15.31 3.69
CA HIS A 308 9.34 14.01 3.66
C HIS A 308 8.49 13.88 2.41
N ALA A 309 8.78 12.87 1.58
CA ALA A 309 8.07 12.67 0.33
C ALA A 309 6.79 11.86 0.47
N PHE A 310 5.78 12.30 -0.24
CA PHE A 310 4.59 11.57 -0.59
C PHE A 310 4.62 11.42 -2.11
N SER A 311 3.69 10.63 -2.63
CA SER A 311 3.68 10.46 -4.08
C SER A 311 3.29 11.76 -4.78
N HIS A 312 2.51 12.61 -4.12
CA HIS A 312 1.92 13.73 -4.80
C HIS A 312 2.31 15.07 -4.19
N LEU A 313 3.17 15.06 -3.19
CA LEU A 313 3.65 16.31 -2.57
C LEU A 313 4.84 16.00 -1.68
N VAL A 314 5.55 17.05 -1.29
CA VAL A 314 6.69 16.93 -0.39
C VAL A 314 6.44 17.86 0.78
N TRP A 315 6.44 17.31 1.98
CA TRP A 315 6.38 18.15 3.17
C TRP A 315 7.78 18.66 3.48
N GLN A 316 7.87 19.94 3.82
CA GLN A 316 9.10 20.53 4.28
C GLN A 316 8.86 20.85 5.75
N LEU A 317 9.36 20.00 6.63
CA LEU A 317 8.99 20.12 8.03
C LEU A 317 10.04 20.94 8.78
N THR A 318 9.55 21.68 9.78
CA THR A 318 10.39 22.39 10.74
C THR A 318 9.77 22.11 12.10
N VAL A 319 10.62 21.68 13.04
CA VAL A 319 10.20 21.24 14.36
C VAL A 319 10.54 22.32 15.38
N PHE A 320 9.53 22.74 16.12
CA PHE A 320 9.67 23.71 17.17
C PHE A 320 9.38 23.06 18.51
N PRO A 321 10.35 22.98 19.42
CA PRO A 321 10.04 22.61 20.79
C PRO A 321 9.26 23.72 21.47
N GLY A 322 8.51 23.32 22.50
CA GLY A 322 7.70 24.25 23.27
C GLY A 322 7.34 23.64 24.61
N ARG A 323 6.88 24.49 25.53
CA ARG A 323 6.51 24.03 26.86
C ARG A 323 5.00 24.19 27.05
N LEU A 324 4.38 23.18 27.65
CA LEU A 324 2.94 23.11 27.81
C LEU A 324 2.53 23.38 29.26
N VAL A 325 1.63 24.34 29.45
CA VAL A 325 1.02 24.64 30.74
C VAL A 325 -0.50 24.43 30.62
N HIS A 326 -1.05 23.57 31.48
CA HIS A 326 -2.47 23.21 31.37
C HIS A 326 -3.34 24.31 31.93
N GLY A 327 -4.34 24.72 31.14
CA GLY A 327 -5.27 25.75 31.54
C GLY A 327 -6.71 25.33 31.34
N GLY A 328 -6.93 24.08 30.97
CA GLY A 328 -8.24 23.57 30.71
C GLY A 328 -8.20 22.13 30.26
N PRO A 329 -9.36 21.55 29.98
CA PRO A 329 -9.40 20.15 29.55
C PRO A 329 -8.73 19.99 28.20
N VAL A 330 -8.02 18.89 28.01
CA VAL A 330 -7.49 18.60 26.68
C VAL A 330 -8.63 18.04 25.86
N GLU A 331 -9.09 18.81 24.88
CA GLU A 331 -10.29 18.50 24.11
C GLU A 331 -9.93 17.80 22.81
N GLU A 332 -10.78 16.85 22.38
CA GLU A 332 -10.66 16.23 21.07
C GLU A 332 -10.42 17.30 20.02
N PRO A 333 -9.63 17.01 18.96
CA PRO A 333 -8.99 15.73 18.63
C PRO A 333 -7.69 15.50 19.38
N TYR A 334 -7.32 16.40 20.30
CA TYR A 334 -6.05 16.31 21.00
C TYR A 334 -6.09 15.28 22.14
N ARG A 335 -4.91 14.83 22.51
CA ARG A 335 -4.72 13.83 23.56
C ARG A 335 -3.41 14.19 24.22
N LEU A 336 -3.36 14.09 25.54
CA LEU A 336 -2.12 14.33 26.28
C LEU A 336 -1.53 12.96 26.58
N ALA A 337 -0.38 12.68 25.98
CA ALA A 337 0.18 11.34 26.00
C ALA A 337 1.49 11.35 26.77
N PRO A 338 1.60 10.56 27.83
CA PRO A 338 2.92 10.35 28.42
C PRO A 338 3.85 9.75 27.39
N GLU A 339 5.12 10.14 27.46
CA GLU A 339 6.14 9.63 26.56
C GLU A 339 6.05 8.11 26.43
N ASP A 340 5.88 7.42 27.55
CA ASP A 340 5.88 5.96 27.55
C ASP A 340 4.70 5.37 26.79
N GLU A 341 3.69 6.17 26.47
CA GLU A 341 2.52 5.69 25.74
C GLU A 341 2.49 6.13 24.28
N LEU A 342 3.42 6.98 23.85
CA LEU A 342 3.42 7.40 22.46
C LEU A 342 3.46 6.20 21.53
N LYS A 343 4.20 5.17 21.93
CA LYS A 343 4.35 3.95 21.13
C LYS A 343 3.02 3.26 20.88
N ALA A 344 1.95 3.67 21.54
CA ALA A 344 0.66 3.06 21.35
C ALA A 344 -0.07 3.61 20.14
N TYR A 345 0.31 4.79 19.67
CA TYR A 345 -0.41 5.46 18.63
C TYR A 345 0.30 5.25 17.29
N ALA A 346 -0.49 5.27 16.23
CA ALA A 346 0.02 5.12 14.88
C ALA A 346 0.34 6.50 14.34
N PHE A 347 1.60 6.73 14.04
CA PHE A 347 2.09 7.99 13.52
C PHE A 347 2.59 7.82 12.10
N PRO A 348 2.41 8.81 11.24
CA PRO A 348 3.09 8.76 9.94
C PRO A 348 4.58 8.82 10.13
N VAL A 349 5.30 8.26 9.16
CA VAL A 349 6.76 8.21 9.22
C VAL A 349 7.35 9.60 9.44
N SER A 350 6.77 10.62 8.81
CA SER A 350 7.26 11.99 8.98
C SER A 350 7.24 12.41 10.43
N HIS A 351 6.18 12.10 11.16
CA HIS A 351 6.11 12.50 12.57
C HIS A 351 6.86 11.53 13.48
N GLN A 352 7.06 10.27 13.06
CA GLN A 352 8.02 9.44 13.76
C GLN A 352 9.38 10.09 13.74
N ARG A 353 9.74 10.69 12.60
CA ARG A 353 11.04 11.32 12.56
C ARG A 353 11.07 12.62 13.37
N VAL A 354 9.98 13.41 13.32
CA VAL A 354 9.87 14.56 14.22
C VAL A 354 10.23 14.15 15.64
N TRP A 355 9.60 13.08 16.14
CA TRP A 355 9.85 12.67 17.51
C TRP A 355 11.30 12.25 17.69
N ARG A 356 11.83 11.46 16.77
CA ARG A 356 13.23 11.05 16.85
C ARG A 356 14.14 12.25 16.94
N GLU A 357 13.95 13.25 16.05
CA GLU A 357 14.78 14.45 16.07
C GLU A 357 14.62 15.20 17.38
N TYR A 358 13.38 15.31 17.86
CA TYR A 358 13.15 15.92 19.15
C TYR A 358 13.95 15.21 20.25
N LYS A 359 13.98 13.88 20.24
CA LYS A 359 14.66 13.18 21.31
C LYS A 359 16.18 13.28 21.15
N GLU A 360 16.67 13.21 19.92
CA GLU A 360 18.10 13.39 19.68
C GLU A 360 18.57 14.76 20.17
N TRP A 361 17.83 15.82 19.83
CA TRP A 361 18.17 17.14 20.33
C TRP A 361 18.12 17.20 21.84
N ALA A 362 17.07 16.62 22.43
CA ALA A 362 16.95 16.66 23.88
C ALA A 362 18.22 16.15 24.56
N SER A 363 18.80 15.05 24.07
CA SER A 363 20.01 14.47 24.69
C SER A 363 21.31 15.23 24.40
#